data_5FC3
#
_entry.id   5FC3
#
_cell.length_a   149.148
_cell.length_b   149.148
_cell.length_c   115.625
_cell.angle_alpha   90.00
_cell.angle_beta   90.00
_cell.angle_gamma   120.00
#
_symmetry.space_group_name_H-M   'P 63 2 2'
#
loop_
_entity.id
_entity.type
_entity.pdbx_description
1 polymer 'pAMK peptide'
2 polymer separase
3 water water
#
loop_
_entity_poly.entity_id
_entity_poly.type
_entity_poly.pdbx_seq_one_letter_code
_entity_poly.pdbx_strand_id
1 'polypeptide(L)' DKSIEVGR(6L3) A
2 'polypeptide(L)'
;MGSSHHHHHHSQLEVLFQGPLGSGRPKKVPSAQTAYSVELARNLTWRRERKALLQEKKGLVNGNGTEMTSVQFPPPPNLA
ASAPRRSSLGFTLDLHRIQRDYIDLVPKHWHVISLSLSDGGHDLCITRLQAGQAPFVLRLPLERASSRDSSVDETDVFDF
HTGRAELLEIIKEINRTCHDSRDMAAKGEREKWWAEREALDQRLKELLMNIEHVWLGGFRGVFSQHGRRPELLEKFRAMF
EGVLDKHLPSRRQVGRGKKGKGVAGQTKVVLDGNVLELFIGLGDATKSGADFDEELTDLLYFVVDILQFHGERNAYDEID
FDSMVVETMDALMAYHAEANAAPESDSHAHTILVLDKQLHVFPWESLPCLQGLAVSRIPSLACLRKLLLDRRRSSSQIQG
EDSEEEDPRSAGHHAPLSGGTYILNPSSDLLSTQKTFESLFSTHLHSPNSWTRIISRPPTEPEFLSALTHSPILLYFGHG
SGAQYIRSRNIRHLDHCRATVLLMGCSSAALTAKGEFEPSGPVWNYMLAGAPAVVGTLWDVTDRDIDRFAGGVLEGWGVL
PEGCMGEKNGKKKAGRNGLSLVQAVAKARDRCRFRYVTAAAAVVYGIPVYVDVDGKSKD
;
B
#
loop_
_chem_comp.id
_chem_comp.type
_chem_comp.name
_chem_comp.formula
6L3 non-polymer 'methyl 2,4,6-trimethylbenzoate' 'C11 H14 O2'
#
# COMPACT_ATOMS: atom_id res chain seq x y z
N GLU A 5 12.77 -12.38 21.37
CA GLU A 5 11.80 -12.58 20.31
C GLU A 5 12.08 -13.87 19.54
N VAL A 6 11.03 -14.47 18.99
CA VAL A 6 11.15 -15.72 18.25
C VAL A 6 10.68 -15.55 16.81
N GLY A 7 11.48 -16.02 15.87
CA GLY A 7 11.11 -15.98 14.48
C GLY A 7 9.87 -16.81 14.19
N ARG A 8 8.76 -16.11 13.70
CA ARG A 8 7.54 -16.79 13.20
C ARG A 8 7.71 -17.07 11.73
C 6L3 A 9 8.98 -16.65 11.07
N THR B 92 -3.28 3.60 -26.81
CA THR B 92 -4.14 4.66 -26.29
C THR B 92 -5.61 4.29 -26.45
N LEU B 93 -5.94 3.66 -27.57
CA LEU B 93 -7.28 3.13 -27.82
C LEU B 93 -7.68 2.06 -26.79
N ASP B 94 -6.76 1.14 -26.55
CA ASP B 94 -6.88 0.02 -25.61
C ASP B 94 -7.13 0.48 -24.16
N LEU B 95 -6.37 1.49 -23.74
CA LEU B 95 -6.43 2.09 -22.41
C LEU B 95 -7.84 2.59 -22.07
N HIS B 96 -8.51 3.20 -23.03
CA HIS B 96 -9.85 3.75 -22.85
C HIS B 96 -10.88 2.62 -22.73
N ARG B 97 -10.62 1.48 -23.36
CA ARG B 97 -11.49 0.32 -23.20
C ARG B 97 -11.37 -0.12 -21.74
N ILE B 98 -10.16 -0.04 -21.20
CA ILE B 98 -9.90 -0.38 -19.81
C ILE B 98 -10.61 0.59 -18.87
N GLN B 99 -10.57 1.89 -19.21
CA GLN B 99 -11.27 2.91 -18.43
C GLN B 99 -12.76 2.63 -18.35
N ARG B 100 -13.38 2.37 -19.50
CA ARG B 100 -14.81 2.09 -19.57
C ARG B 100 -15.19 0.80 -18.83
N ASP B 101 -14.47 -0.28 -19.08
CA ASP B 101 -14.92 -1.58 -18.63
C ASP B 101 -14.42 -1.98 -17.24
N TYR B 102 -13.42 -1.26 -16.74
CA TYR B 102 -12.93 -1.53 -15.39
C TYR B 102 -12.90 -0.34 -14.46
N ILE B 103 -12.25 0.74 -14.88
CA ILE B 103 -11.96 1.82 -13.94
C ILE B 103 -13.20 2.63 -13.57
N ASP B 104 -14.12 2.81 -14.52
CA ASP B 104 -15.33 3.58 -14.26
C ASP B 104 -16.28 2.85 -13.29
N LEU B 105 -15.96 1.62 -12.96
CA LEU B 105 -16.65 0.89 -11.88
C LEU B 105 -16.02 1.08 -10.50
N VAL B 106 -14.82 1.64 -10.45
CA VAL B 106 -14.11 1.77 -9.20
C VAL B 106 -14.62 3.03 -8.50
N PRO B 107 -14.95 2.93 -7.20
CA PRO B 107 -15.38 4.10 -6.44
C PRO B 107 -14.50 5.33 -6.67
N LYS B 108 -15.13 6.49 -6.85
CA LYS B 108 -14.44 7.71 -7.22
C LYS B 108 -13.49 8.22 -6.16
N HIS B 109 -13.68 7.79 -4.91
CA HIS B 109 -12.76 8.23 -3.88
C HIS B 109 -11.52 7.35 -3.84
N TRP B 110 -11.49 6.36 -4.73
CA TRP B 110 -10.33 5.51 -4.89
C TRP B 110 -9.62 5.82 -6.19
N HIS B 111 -8.31 5.66 -6.21
CA HIS B 111 -7.64 5.70 -7.51
C HIS B 111 -6.69 4.51 -7.58
N VAL B 112 -6.42 4.11 -8.82
CA VAL B 112 -5.64 2.92 -9.12
C VAL B 112 -4.33 3.29 -9.78
N ILE B 113 -3.24 2.79 -9.21
CA ILE B 113 -1.94 3.02 -9.81
C ILE B 113 -1.27 1.69 -10.11
N SER B 114 -0.89 1.53 -11.37
CA SER B 114 -0.12 0.39 -11.80
C SER B 114 1.34 0.78 -11.94
N LEU B 115 2.21 -0.14 -11.55
CA LEU B 115 3.65 0.04 -11.63
C LEU B 115 4.22 -1.09 -12.44
N SER B 116 5.00 -0.75 -13.46
CA SER B 116 5.67 -1.73 -14.28
C SER B 116 6.96 -1.16 -14.84
N LEU B 117 7.83 -2.04 -15.30
CA LEU B 117 9.07 -1.65 -15.92
C LEU B 117 9.03 -1.65 -17.44
N SER B 118 9.81 -0.75 -18.02
CA SER B 118 10.03 -0.72 -19.47
C SER B 118 10.75 -2.00 -19.85
N ASP B 119 10.68 -2.40 -21.13
CA ASP B 119 11.36 -3.60 -21.59
C ASP B 119 12.84 -3.55 -21.18
N GLY B 120 13.43 -2.36 -21.34
CA GLY B 120 14.80 -2.14 -20.93
C GLY B 120 15.08 -2.29 -19.45
N GLY B 121 14.11 -1.95 -18.61
CA GLY B 121 14.38 -1.96 -17.18
C GLY B 121 14.84 -0.57 -16.76
N HIS B 122 14.98 0.31 -17.75
CA HIS B 122 15.47 1.66 -17.52
C HIS B 122 14.41 2.59 -16.99
N ASP B 123 13.14 2.29 -17.26
CA ASP B 123 12.06 3.20 -16.92
C ASP B 123 11.05 2.55 -15.99
N LEU B 124 10.60 3.32 -15.00
CA LEU B 124 9.46 2.94 -14.20
C LEU B 124 8.20 3.49 -14.87
N CYS B 125 7.28 2.61 -15.21
CA CYS B 125 6.08 3.04 -15.90
C CYS B 125 4.94 3.14 -14.90
N ILE B 126 4.36 4.34 -14.82
CA ILE B 126 3.32 4.61 -13.86
C ILE B 126 2.06 5.05 -14.59
N THR B 127 0.98 4.36 -14.29
CA THR B 127 -0.33 4.69 -14.81
C THR B 127 -1.28 4.99 -13.67
N ARG B 128 -1.92 6.14 -13.73
CA ARG B 128 -2.88 6.54 -12.71
C ARG B 128 -4.28 6.54 -13.29
N LEU B 129 -5.15 5.81 -12.62
CA LEU B 129 -6.49 5.55 -13.12
C LEU B 129 -7.50 5.87 -12.05
N GLN B 130 -8.57 6.54 -12.45
CA GLN B 130 -9.62 6.94 -11.54
C GLN B 130 -10.90 7.12 -12.35
N ALA B 131 -12.02 6.64 -11.82
CA ALA B 131 -13.31 6.74 -12.49
C ALA B 131 -13.66 8.20 -12.78
N GLY B 132 -14.08 8.50 -14.01
CA GLY B 132 -14.39 9.87 -14.35
C GLY B 132 -13.18 10.76 -14.57
N GLN B 133 -11.99 10.16 -14.57
CA GLN B 133 -10.79 10.92 -14.87
C GLN B 133 -10.07 10.38 -16.10
N ALA B 134 -9.41 11.29 -16.82
CA ALA B 134 -8.51 10.87 -17.90
C ALA B 134 -7.37 10.06 -17.33
N PRO B 135 -7.03 8.95 -17.99
CA PRO B 135 -5.84 8.17 -17.60
C PRO B 135 -4.59 9.01 -17.67
N PHE B 136 -3.65 8.78 -16.77
CA PHE B 136 -2.38 9.48 -16.80
C PHE B 136 -1.29 8.44 -16.91
N VAL B 137 -0.44 8.59 -17.92
CA VAL B 137 0.66 7.65 -18.14
C VAL B 137 2.00 8.35 -17.99
N LEU B 138 2.84 7.79 -17.11
CA LEU B 138 4.12 8.37 -16.78
C LEU B 138 5.24 7.36 -17.04
N ARG B 139 6.31 7.81 -17.66
CA ARG B 139 7.46 6.96 -17.91
C ARG B 139 8.74 7.60 -17.35
N LEU B 140 9.23 7.07 -16.23
CA LEU B 140 10.34 7.70 -15.52
C LEU B 140 11.68 6.98 -15.66
N PRO B 141 12.63 7.60 -16.39
CA PRO B 141 13.99 7.05 -16.44
C PRO B 141 14.67 7.19 -15.08
N LEU B 142 15.03 6.06 -14.51
CA LEU B 142 15.62 5.98 -13.17
C LEU B 142 16.96 6.70 -13.02
N GLU B 143 17.69 6.85 -14.12
CA GLU B 143 19.04 7.43 -14.10
C GLU B 143 19.18 8.87 -14.61
N ARG B 144 18.09 9.61 -14.69
CA ARG B 144 18.12 10.97 -15.28
C ARG B 144 19.11 11.96 -14.68
N ALA B 145 19.50 11.79 -13.42
CA ALA B 145 20.41 12.76 -12.80
C ALA B 145 21.83 12.58 -13.35
N VAL B 157 24.98 4.24 -10.81
CA VAL B 157 25.26 4.24 -9.38
C VAL B 157 24.00 3.87 -8.58
N PHE B 158 22.83 4.01 -9.20
CA PHE B 158 21.60 3.52 -8.57
C PHE B 158 20.43 3.23 -9.53
N ASP B 159 20.58 2.23 -10.40
CA ASP B 159 19.50 1.82 -11.31
C ASP B 159 18.64 0.75 -10.64
N PHE B 160 17.64 0.24 -11.35
CA PHE B 160 16.70 -0.73 -10.78
C PHE B 160 17.36 -2.02 -10.33
N HIS B 161 18.27 -2.55 -11.15
CA HIS B 161 18.98 -3.78 -10.83
C HIS B 161 19.65 -3.59 -9.47
N THR B 162 20.27 -2.43 -9.30
CA THR B 162 21.01 -2.09 -8.09
C THR B 162 20.10 -1.96 -6.88
N GLY B 163 18.97 -1.28 -7.06
CA GLY B 163 18.00 -1.12 -5.99
C GLY B 163 17.41 -2.44 -5.54
N ARG B 164 17.00 -3.25 -6.51
CA ARG B 164 16.43 -4.57 -6.23
C ARG B 164 17.44 -5.50 -5.57
N ALA B 165 18.68 -5.48 -6.07
CA ALA B 165 19.76 -6.26 -5.46
C ALA B 165 19.99 -5.89 -3.99
N GLU B 166 20.02 -4.60 -3.69
CA GLU B 166 20.21 -4.14 -2.32
C GLU B 166 19.05 -4.55 -1.42
N LEU B 167 17.84 -4.42 -1.94
CA LEU B 167 16.64 -4.84 -1.23
C LEU B 167 16.67 -6.33 -0.88
N LEU B 168 16.98 -7.16 -1.86
CA LEU B 168 16.98 -8.61 -1.65
C LEU B 168 18.05 -9.06 -0.66
N GLU B 169 19.18 -8.37 -0.65
CA GLU B 169 20.26 -8.70 0.27
C GLU B 169 19.85 -8.34 1.70
N ILE B 170 19.26 -7.16 1.87
CA ILE B 170 18.71 -6.74 3.15
C ILE B 170 17.71 -7.76 3.66
N ILE B 171 16.81 -8.18 2.78
CA ILE B 171 15.77 -9.15 3.11
C ILE B 171 16.41 -10.45 3.57
N LYS B 172 17.42 -10.89 2.83
CA LYS B 172 18.18 -12.08 3.17
C LYS B 172 18.71 -11.99 4.60
N GLU B 173 19.28 -10.84 4.93
CA GLU B 173 19.85 -10.65 6.26
C GLU B 173 18.78 -10.56 7.35
N ILE B 174 17.64 -9.92 7.03
CA ILE B 174 16.51 -9.84 7.97
C ILE B 174 16.01 -11.24 8.30
N ASN B 175 15.81 -12.04 7.25
CA ASN B 175 15.31 -13.40 7.38
C ASN B 175 16.26 -14.17 8.28
N ARG B 176 17.56 -13.95 8.05
CA ARG B 176 18.61 -14.58 8.82
C ARG B 176 18.49 -14.22 10.30
N THR B 177 18.11 -12.97 10.59
CA THR B 177 17.95 -12.52 11.97
C THR B 177 16.77 -13.12 12.74
N CYS B 178 15.67 -13.44 12.04
CA CYS B 178 14.52 -14.03 12.73
C CYS B 178 14.83 -15.44 13.18
N HIS B 179 15.52 -16.14 12.30
CA HIS B 179 15.87 -17.51 12.48
C HIS B 179 17.09 -17.67 13.38
N ASP B 180 17.84 -16.64 13.66
CA ASP B 180 18.92 -16.82 14.61
C ASP B 180 18.29 -16.70 15.96
N SER B 181 17.30 -15.84 15.99
CA SER B 181 16.73 -15.29 17.23
C SER B 181 17.04 -16.24 18.37
N ARG B 182 16.55 -17.48 18.21
CA ARG B 182 16.75 -18.52 19.21
C ARG B 182 18.22 -18.77 19.44
N ASP B 183 18.93 -19.06 18.37
CA ASP B 183 20.32 -19.48 18.54
C ASP B 183 21.18 -18.65 19.50
N MET B 184 21.20 -17.33 19.31
CA MET B 184 21.99 -16.48 20.20
C MET B 184 21.56 -16.59 21.67
N ALA B 185 22.47 -17.02 22.54
CA ALA B 185 22.16 -17.16 23.96
C ALA B 185 22.11 -15.81 24.65
N GLY B 188 24.10 -11.01 26.87
CA GLY B 188 25.36 -10.81 26.17
C GLY B 188 25.16 -10.82 24.68
N GLU B 189 24.79 -11.97 24.14
CA GLU B 189 24.66 -12.16 22.70
C GLU B 189 23.36 -11.49 22.27
N ARG B 190 22.47 -11.32 23.25
CA ARG B 190 21.19 -10.68 23.01
C ARG B 190 21.32 -9.27 22.50
N GLU B 191 22.34 -8.57 22.98
CA GLU B 191 22.59 -7.18 22.63
C GLU B 191 23.01 -7.06 21.17
N LYS B 192 23.90 -7.95 20.76
CA LYS B 192 24.39 -7.99 19.39
C LYS B 192 23.29 -8.32 18.36
N TRP B 193 22.37 -9.23 18.69
CA TRP B 193 21.28 -9.57 17.78
C TRP B 193 20.42 -8.33 17.48
N TRP B 194 20.06 -7.60 18.54
CA TRP B 194 19.23 -6.39 18.42
C TRP B 194 19.95 -5.33 17.61
N ALA B 195 21.24 -5.16 17.88
CA ALA B 195 22.04 -4.20 17.15
C ALA B 195 22.05 -4.51 15.66
N GLU B 196 22.09 -5.79 15.31
CA GLU B 196 22.04 -6.18 13.91
C GLU B 196 20.74 -5.80 13.20
N ARG B 197 19.61 -6.04 13.85
CA ARG B 197 18.29 -5.68 13.29
C ARG B 197 17.97 -4.19 13.17
N GLU B 198 18.35 -3.43 14.20
CA GLU B 198 18.16 -1.98 14.17
C GLU B 198 18.94 -1.41 12.99
N ALA B 199 20.13 -1.98 12.75
CA ALA B 199 21.01 -1.49 11.69
C ALA B 199 20.39 -1.81 10.33
N LEU B 200 19.76 -2.98 10.21
CA LEU B 200 19.08 -3.34 8.97
C LEU B 200 17.85 -2.45 8.78
N ASP B 201 17.20 -2.10 9.89
CA ASP B 201 16.05 -1.20 9.88
C ASP B 201 16.50 0.12 9.29
N GLN B 202 17.66 0.58 9.73
CA GLN B 202 18.25 1.80 9.21
C GLN B 202 18.63 1.67 7.75
N ARG B 203 19.16 0.51 7.34
CA ARG B 203 19.53 0.32 5.94
C ARG B 203 18.35 0.35 4.99
N LEU B 204 17.24 -0.26 5.40
CA LEU B 204 16.04 -0.30 4.59
C LEU B 204 15.35 1.05 4.53
N LYS B 205 15.32 1.75 5.65
CA LYS B 205 14.84 3.13 5.69
C LYS B 205 15.58 3.99 4.67
N GLU B 206 16.90 3.87 4.66
CA GLU B 206 17.75 4.62 3.75
C GLU B 206 17.49 4.29 2.28
N LEU B 207 17.37 3.00 1.98
CA LEU B 207 17.03 2.54 0.65
C LEU B 207 15.72 3.15 0.13
N LEU B 208 14.69 3.15 0.98
CA LEU B 208 13.40 3.70 0.57
C LEU B 208 13.48 5.21 0.38
N MET B 209 14.28 5.87 1.21
CA MET B 209 14.50 7.31 1.04
C MET B 209 15.15 7.58 -0.32
N ASN B 210 16.11 6.75 -0.69
CA ASN B 210 16.84 6.94 -1.95
C ASN B 210 15.95 6.66 -3.15
N ILE B 211 15.08 5.66 -3.01
CA ILE B 211 14.11 5.36 -4.04
C ILE B 211 13.15 6.53 -4.27
N GLU B 212 12.62 7.09 -3.19
CA GLU B 212 11.69 8.21 -3.32
C GLU B 212 12.40 9.43 -3.89
N HIS B 213 13.65 9.62 -3.48
CA HIS B 213 14.40 10.80 -3.88
C HIS B 213 14.89 10.70 -5.32
N VAL B 214 15.48 9.56 -5.67
CA VAL B 214 16.05 9.38 -7.00
C VAL B 214 15.05 8.93 -8.06
N TRP B 215 14.36 7.82 -7.81
CA TRP B 215 13.52 7.25 -8.86
C TRP B 215 12.29 8.12 -9.09
N LEU B 216 11.57 8.41 -8.02
CA LEU B 216 10.33 9.19 -8.12
C LEU B 216 10.62 10.67 -8.25
N GLY B 217 11.52 11.16 -7.40
CA GLY B 217 11.89 12.56 -7.38
C GLY B 217 10.67 13.46 -7.33
N GLY B 218 10.62 14.41 -8.25
CA GLY B 218 9.56 15.39 -8.30
C GLY B 218 8.24 14.83 -8.82
N PHE B 219 8.22 13.54 -9.12
CA PHE B 219 7.01 12.90 -9.63
C PHE B 219 6.23 12.17 -8.54
N ARG B 220 6.64 12.33 -7.28
CA ARG B 220 6.04 11.58 -6.19
C ARG B 220 4.56 11.94 -6.04
N GLY B 221 4.19 13.10 -6.59
CA GLY B 221 2.83 13.59 -6.50
C GLY B 221 1.83 12.73 -7.27
N VAL B 222 2.34 11.82 -8.10
CA VAL B 222 1.46 10.91 -8.82
C VAL B 222 0.72 10.02 -7.83
N PHE B 223 1.30 9.84 -6.64
CA PHE B 223 0.70 9.00 -5.61
C PHE B 223 -0.18 9.82 -4.68
N SER B 224 -0.32 11.11 -4.96
CA SER B 224 -1.11 11.97 -4.09
C SER B 224 -2.59 11.59 -4.12
N GLN B 225 -3.20 11.60 -2.94
CA GLN B 225 -4.63 11.33 -2.79
C GLN B 225 -5.48 12.60 -2.69
N HIS B 226 -4.86 13.75 -2.96
CA HIS B 226 -5.57 15.02 -2.85
C HIS B 226 -6.81 15.06 -3.75
N GLY B 227 -7.86 15.71 -3.25
CA GLY B 227 -9.07 15.97 -4.01
C GLY B 227 -8.85 16.98 -5.11
N ARG B 228 -9.30 16.61 -6.29
CA ARG B 228 -9.18 17.46 -7.46
C ARG B 228 -10.18 18.60 -7.37
N ARG B 229 -9.72 19.83 -7.61
CA ARG B 229 -10.56 21.03 -7.55
C ARG B 229 -10.40 21.91 -8.77
N PRO B 230 -11.28 21.74 -9.76
CA PRO B 230 -11.17 22.39 -11.06
C PRO B 230 -11.06 23.91 -10.98
N GLU B 231 -11.85 24.54 -10.10
CA GLU B 231 -11.80 26.01 -9.97
C GLU B 231 -10.43 26.52 -9.51
N LEU B 232 -9.80 25.83 -8.57
CA LEU B 232 -8.48 26.22 -8.05
C LEU B 232 -7.40 25.92 -9.07
N LEU B 233 -7.58 24.81 -9.77
CA LEU B 233 -6.64 24.36 -10.78
C LEU B 233 -6.58 25.36 -11.95
N GLU B 234 -7.74 25.87 -12.35
CA GLU B 234 -7.76 26.89 -13.41
C GLU B 234 -6.99 28.14 -13.00
N LYS B 235 -6.99 28.47 -11.71
CA LYS B 235 -6.15 29.57 -11.24
C LYS B 235 -4.68 29.22 -11.36
N PHE B 236 -4.31 28.02 -10.91
CA PHE B 236 -2.91 27.58 -10.99
C PHE B 236 -2.42 27.49 -12.43
N ARG B 237 -3.28 26.97 -13.30
CA ARG B 237 -2.98 26.90 -14.73
C ARG B 237 -2.64 28.26 -15.30
N ALA B 238 -3.46 29.25 -14.98
CA ALA B 238 -3.24 30.62 -15.45
C ALA B 238 -1.92 31.18 -14.96
N MET B 239 -1.60 30.96 -13.69
CA MET B 239 -0.34 31.46 -13.14
C MET B 239 0.86 30.72 -13.71
N PHE B 240 0.73 29.41 -13.88
CA PHE B 240 1.84 28.61 -14.38
C PHE B 240 2.12 28.88 -15.85
N GLU B 241 1.08 29.02 -16.65
CA GLU B 241 1.25 29.41 -18.05
C GLU B 241 1.89 30.79 -18.15
N GLY B 242 1.58 31.65 -17.18
CA GLY B 242 2.23 32.95 -17.08
C GLY B 242 3.71 32.79 -16.86
N VAL B 243 4.06 31.86 -15.99
CA VAL B 243 5.44 31.55 -15.67
C VAL B 243 6.15 31.13 -16.95
N LEU B 244 5.52 30.25 -17.71
CA LEU B 244 6.07 29.81 -18.99
C LEU B 244 6.33 30.94 -19.98
N ASP B 245 5.34 31.81 -20.17
CA ASP B 245 5.46 32.95 -21.06
C ASP B 245 6.64 33.88 -20.73
N LYS B 246 6.84 34.07 -19.44
CA LYS B 246 7.84 35.00 -18.89
C LYS B 246 9.31 34.52 -18.98
N HIS B 247 9.54 33.22 -18.85
CA HIS B 247 10.90 32.62 -18.68
C HIS B 247 11.43 31.74 -19.80
N LEU B 248 10.55 31.26 -20.65
CA LEU B 248 10.99 30.54 -21.83
C LEU B 248 11.23 31.42 -23.02
N PRO B 249 11.98 30.91 -24.01
CA PRO B 249 11.95 31.39 -25.39
C PRO B 249 11.11 30.44 -26.21
N SER B 250 10.97 30.71 -27.51
CA SER B 250 9.77 30.28 -28.23
C SER B 250 8.59 30.84 -27.42
N ARG B 251 8.89 31.93 -26.72
CA ARG B 251 8.07 32.58 -25.71
C ARG B 251 6.58 32.57 -26.01
N LYS B 268 1.29 28.08 -26.99
CA LYS B 268 0.76 27.31 -28.11
C LYS B 268 0.52 25.87 -27.65
N VAL B 269 1.56 25.13 -27.29
CA VAL B 269 1.30 23.80 -26.74
C VAL B 269 0.75 23.97 -25.32
N VAL B 270 -0.38 23.33 -25.07
CA VAL B 270 -1.05 23.40 -23.77
C VAL B 270 -0.98 22.09 -22.97
N LEU B 271 -0.74 22.20 -21.67
CA LEU B 271 -0.51 21.03 -20.83
C LEU B 271 -1.81 20.46 -20.30
N ASP B 272 -1.89 19.13 -20.27
CA ASP B 272 -3.00 18.43 -19.64
C ASP B 272 -3.05 18.73 -18.14
N GLY B 273 -4.26 18.80 -17.60
CA GLY B 273 -4.47 19.04 -16.19
C GLY B 273 -3.75 18.06 -15.29
N ASN B 274 -3.64 16.82 -15.73
CA ASN B 274 -2.98 15.77 -14.96
C ASN B 274 -1.51 16.10 -14.69
N VAL B 275 -0.90 16.81 -15.63
CA VAL B 275 0.49 17.24 -15.47
C VAL B 275 0.56 18.31 -14.38
N LEU B 276 -0.39 19.23 -14.39
CA LEU B 276 -0.45 20.28 -13.38
C LEU B 276 -0.75 19.69 -12.01
N GLU B 277 -1.50 18.60 -11.98
CA GLU B 277 -1.82 17.95 -10.72
C GLU B 277 -0.56 17.38 -10.05
N LEU B 278 0.45 17.09 -10.86
CA LEU B 278 1.73 16.62 -10.33
C LEU B 278 2.38 17.67 -9.43
N PHE B 279 2.21 18.93 -9.82
CA PHE B 279 2.76 20.04 -9.07
C PHE B 279 2.03 20.17 -7.75
N ILE B 280 0.70 20.11 -7.84
CA ILE B 280 -0.17 20.16 -6.68
C ILE B 280 0.14 19.05 -5.69
N GLY B 281 0.39 17.85 -6.22
CA GLY B 281 0.64 16.68 -5.42
C GLY B 281 1.94 16.61 -4.63
N LEU B 282 2.83 17.56 -4.86
CA LEU B 282 4.08 17.65 -4.10
C LEU B 282 3.82 17.89 -2.61
N GLY B 283 2.65 18.42 -2.29
CA GLY B 283 2.24 18.63 -0.92
C GLY B 283 1.88 20.07 -0.60
N ASP B 284 1.56 20.34 0.66
CA ASP B 284 1.15 21.67 1.08
C ASP B 284 2.34 22.62 1.02
N ALA B 285 2.38 23.45 -0.02
CA ALA B 285 3.47 24.39 -0.23
C ALA B 285 3.52 25.50 0.82
N THR B 286 2.47 25.63 1.63
CA THR B 286 2.45 26.69 2.63
C THR B 286 2.99 26.24 3.98
N LYS B 287 3.40 24.98 4.07
CA LYS B 287 3.95 24.45 5.31
C LYS B 287 5.23 25.19 5.64
N SER B 288 5.39 25.60 6.89
CA SER B 288 6.63 26.22 7.33
C SER B 288 7.82 25.31 6.99
N GLY B 289 8.83 25.89 6.33
CA GLY B 289 10.03 25.14 6.00
C GLY B 289 9.96 24.27 4.75
N ALA B 290 8.86 24.34 4.01
CA ALA B 290 8.66 23.51 2.83
C ALA B 290 9.68 23.87 1.75
N ASP B 291 10.31 22.85 1.17
CA ASP B 291 11.36 23.03 0.17
C ASP B 291 11.16 22.04 -0.99
N PHE B 292 10.66 22.54 -2.11
CA PHE B 292 10.36 21.73 -3.28
C PHE B 292 11.32 21.99 -4.45
N ASP B 293 12.46 22.62 -4.19
CA ASP B 293 13.35 23.06 -5.27
C ASP B 293 13.82 21.98 -6.25
N GLU B 294 14.31 20.85 -5.77
CA GLU B 294 14.74 19.79 -6.69
C GLU B 294 13.56 19.18 -7.43
N GLU B 295 12.48 18.96 -6.68
CA GLU B 295 11.26 18.39 -7.23
C GLU B 295 10.68 19.28 -8.32
N LEU B 296 10.62 20.58 -8.03
CA LEU B 296 10.08 21.54 -8.96
C LEU B 296 10.96 21.62 -10.21
N THR B 297 12.27 21.58 -10.02
CA THR B 297 13.22 21.55 -11.12
C THR B 297 12.97 20.35 -12.03
N ASP B 298 12.87 19.20 -11.39
CA ASP B 298 12.57 17.92 -12.03
C ASP B 298 11.31 17.97 -12.88
N LEU B 299 10.26 18.60 -12.34
CA LEU B 299 8.98 18.71 -13.04
C LEU B 299 8.99 19.76 -14.14
N LEU B 300 9.86 20.76 -14.00
CA LEU B 300 9.94 21.81 -15.02
C LEU B 300 10.64 21.25 -16.26
N TYR B 301 11.60 20.37 -16.03
CA TYR B 301 12.30 19.68 -17.11
C TYR B 301 11.28 18.85 -17.90
N PHE B 302 10.42 18.18 -17.15
CA PHE B 302 9.34 17.37 -17.69
C PHE B 302 8.46 18.20 -18.63
N VAL B 303 8.08 19.40 -18.16
CA VAL B 303 7.22 20.29 -18.94
C VAL B 303 7.93 20.75 -20.20
N VAL B 304 9.21 21.08 -20.07
CA VAL B 304 10.02 21.48 -21.23
C VAL B 304 10.12 20.33 -22.23
N ASP B 305 10.22 19.11 -21.72
CA ASP B 305 10.30 17.94 -22.59
C ASP B 305 8.97 17.68 -23.32
N ILE B 306 7.86 17.86 -22.61
CA ILE B 306 6.54 17.66 -23.22
C ILE B 306 6.32 18.67 -24.34
N LEU B 307 6.64 19.93 -24.05
CA LEU B 307 6.52 21.01 -25.03
C LEU B 307 7.39 20.66 -26.23
N GLN B 308 8.62 20.29 -25.94
CA GLN B 308 9.62 19.88 -26.91
C GLN B 308 9.05 18.74 -27.75
N PHE B 309 8.46 17.76 -27.05
CA PHE B 309 7.90 16.58 -27.70
C PHE B 309 6.78 17.00 -28.65
N HIS B 310 6.00 17.99 -28.24
CA HIS B 310 4.88 18.48 -29.03
C HIS B 310 5.22 19.73 -29.87
N GLY B 311 6.47 19.89 -30.32
CA GLY B 311 6.72 20.92 -31.32
C GLY B 311 7.02 22.33 -30.84
N GLU B 312 7.45 22.47 -29.58
CA GLU B 312 7.90 23.76 -29.02
C GLU B 312 9.32 23.61 -28.45
N ARG B 313 10.31 23.95 -29.27
CA ARG B 313 11.72 23.65 -28.98
C ARG B 313 12.37 24.71 -28.09
N ASN B 314 13.23 24.24 -27.19
CA ASN B 314 13.89 25.07 -26.18
C ASN B 314 15.20 24.50 -25.61
N ALA B 315 16.27 25.27 -25.71
CA ALA B 315 17.56 24.82 -25.23
C ALA B 315 17.59 24.96 -23.71
N TYR B 316 18.02 23.89 -23.03
CA TYR B 316 18.08 23.86 -21.57
C TYR B 316 18.82 25.05 -20.95
N ASP B 317 19.94 25.43 -21.55
CA ASP B 317 20.81 26.51 -21.07
C ASP B 317 20.21 27.89 -21.28
N GLU B 318 19.19 27.98 -22.13
CA GLU B 318 18.53 29.26 -22.41
C GLU B 318 17.32 29.48 -21.52
N ILE B 319 17.08 28.53 -20.62
CA ILE B 319 16.00 28.67 -19.64
C ILE B 319 16.55 29.00 -18.28
N ASP B 320 15.96 29.98 -17.62
CA ASP B 320 16.30 30.29 -16.23
C ASP B 320 15.44 29.46 -15.31
N PHE B 321 15.87 28.22 -15.07
CA PHE B 321 15.13 27.28 -14.25
C PHE B 321 14.98 27.79 -12.82
N ASP B 322 16.01 28.48 -12.34
CA ASP B 322 16.05 28.85 -10.93
C ASP B 322 14.99 29.89 -10.60
N SER B 323 14.74 30.81 -11.54
CA SER B 323 13.63 31.75 -11.42
C SER B 323 12.25 31.11 -11.53
N MET B 324 12.12 30.13 -12.43
CA MET B 324 10.86 29.41 -12.62
C MET B 324 10.43 28.62 -11.40
N VAL B 325 11.40 28.07 -10.68
CA VAL B 325 11.14 27.33 -9.46
C VAL B 325 10.51 28.28 -8.46
N VAL B 326 11.11 29.47 -8.35
CA VAL B 326 10.64 30.45 -7.38
C VAL B 326 9.21 30.91 -7.69
N GLU B 327 8.93 31.23 -8.95
CA GLU B 327 7.59 31.70 -9.32
C GLU B 327 6.53 30.60 -9.23
N THR B 328 6.91 29.38 -9.59
CA THR B 328 6.01 28.23 -9.50
C THR B 328 5.66 27.89 -8.06
N MET B 329 6.66 27.93 -7.18
CA MET B 329 6.43 27.69 -5.76
C MET B 329 5.46 28.70 -5.16
N ASP B 330 5.60 29.97 -5.54
CA ASP B 330 4.68 30.99 -5.08
C ASP B 330 3.27 30.72 -5.58
N ALA B 331 3.17 30.27 -6.81
CA ALA B 331 1.89 29.83 -7.39
C ALA B 331 1.27 28.67 -6.63
N LEU B 332 2.10 27.75 -6.15
CA LEU B 332 1.61 26.61 -5.38
C LEU B 332 1.17 27.04 -3.98
N MET B 333 1.87 28.03 -3.43
CA MET B 333 1.50 28.58 -2.14
C MET B 333 0.13 29.24 -2.24
N ALA B 334 -0.11 29.96 -3.34
CA ALA B 334 -1.40 30.57 -3.61
C ALA B 334 -2.51 29.52 -3.69
N TYR B 335 -2.22 28.41 -4.37
CA TYR B 335 -3.17 27.30 -4.47
C TYR B 335 -3.53 26.73 -3.11
N HIS B 336 -2.52 26.39 -2.32
CA HIS B 336 -2.73 25.68 -1.08
C HIS B 336 -3.30 26.56 0.03
N ALA B 337 -2.95 27.85 0.01
CA ALA B 337 -3.60 28.83 0.87
C ALA B 337 -5.12 28.80 0.67
N GLU B 338 -5.55 28.81 -0.59
CA GLU B 338 -6.96 28.75 -0.92
C GLU B 338 -7.54 27.39 -0.56
N ALA B 339 -6.79 26.34 -0.89
CA ALA B 339 -7.20 24.97 -0.58
C ALA B 339 -7.36 24.78 0.93
N ASN B 340 -6.41 25.31 1.70
CA ASN B 340 -6.48 25.17 3.14
C ASN B 340 -7.65 25.92 3.77
N ALA B 341 -8.11 26.98 3.11
CA ALA B 341 -9.13 27.80 3.74
C ALA B 341 -10.44 27.03 3.66
N ALA B 342 -10.58 26.30 2.56
CA ALA B 342 -11.81 25.57 2.29
C ALA B 342 -11.46 24.10 2.07
N PRO B 343 -11.32 23.32 3.14
CA PRO B 343 -10.96 21.93 2.88
C PRO B 343 -12.18 21.03 2.78
N GLU B 344 -12.13 20.07 1.84
CA GLU B 344 -13.23 19.13 1.65
C GLU B 344 -13.27 18.13 2.78
N SER B 345 -14.44 17.53 3.01
CA SER B 345 -14.60 16.50 4.03
C SER B 345 -13.71 15.29 3.76
N ASP B 346 -13.57 14.41 4.74
CA ASP B 346 -12.69 13.27 4.58
C ASP B 346 -13.24 12.29 3.56
N SER B 347 -12.43 12.08 2.53
CA SER B 347 -12.72 11.23 1.40
C SER B 347 -12.66 9.73 1.67
N HIS B 348 -11.81 9.29 2.61
CA HIS B 348 -11.69 7.85 2.90
C HIS B 348 -11.14 7.27 1.61
N ALA B 349 -10.31 8.10 1.00
CA ALA B 349 -9.57 7.80 -0.20
C ALA B 349 -8.68 6.60 0.07
N HIS B 350 -8.60 5.74 -0.94
CA HIS B 350 -7.75 4.57 -0.92
C HIS B 350 -7.02 4.45 -2.24
N THR B 351 -5.75 4.04 -2.15
CA THR B 351 -4.98 3.71 -3.34
C THR B 351 -4.88 2.20 -3.44
N ILE B 352 -5.06 1.71 -4.66
CA ILE B 352 -4.89 0.30 -4.97
C ILE B 352 -3.81 0.12 -6.02
N LEU B 353 -2.77 -0.62 -5.65
CA LEU B 353 -1.64 -0.85 -6.52
C LEU B 353 -1.78 -2.12 -7.36
N VAL B 354 -1.44 -1.99 -8.63
CA VAL B 354 -1.25 -3.13 -9.50
C VAL B 354 0.24 -3.17 -9.82
N LEU B 355 0.87 -4.28 -9.50
CA LEU B 355 2.32 -4.36 -9.51
C LEU B 355 2.77 -5.40 -10.51
N ASP B 356 3.82 -5.06 -11.26
CA ASP B 356 4.44 -6.02 -12.14
C ASP B 356 5.02 -7.17 -11.31
N LYS B 357 5.28 -8.31 -11.95
CA LYS B 357 5.61 -9.55 -11.23
C LYS B 357 6.79 -9.42 -10.26
N GLN B 358 7.76 -8.60 -10.65
CA GLN B 358 8.98 -8.40 -9.87
C GLN B 358 8.92 -7.20 -8.92
N LEU B 359 7.80 -6.50 -8.88
CA LEU B 359 7.71 -5.30 -8.04
C LEU B 359 6.95 -5.49 -6.73
N HIS B 360 6.41 -6.69 -6.51
CA HIS B 360 5.73 -6.98 -5.25
C HIS B 360 6.67 -7.02 -4.05
N VAL B 361 7.95 -7.28 -4.28
CA VAL B 361 8.90 -7.43 -3.19
C VAL B 361 9.20 -6.09 -2.54
N PHE B 362 9.02 -5.02 -3.30
CA PHE B 362 9.23 -3.67 -2.79
C PHE B 362 8.11 -3.26 -1.84
N PRO B 363 8.46 -2.77 -0.64
CA PRO B 363 7.42 -2.31 0.28
C PRO B 363 6.97 -0.89 -0.05
N TRP B 364 6.20 -0.77 -1.14
CA TRP B 364 5.83 0.54 -1.68
C TRP B 364 5.11 1.37 -0.63
N GLU B 365 4.23 0.70 0.09
CA GLU B 365 3.40 1.30 1.13
C GLU B 365 4.20 2.00 2.22
N SER B 366 5.47 1.61 2.35
CA SER B 366 6.33 2.18 3.38
C SER B 366 7.27 3.26 2.86
N LEU B 367 7.16 3.61 1.59
CA LEU B 367 7.84 4.80 1.09
C LEU B 367 7.37 5.99 1.89
N PRO B 368 8.25 6.98 2.08
CA PRO B 368 7.85 8.17 2.83
C PRO B 368 6.54 8.77 2.33
N CYS B 369 6.38 8.82 1.02
CA CYS B 369 5.22 9.48 0.43
C CYS B 369 3.93 8.67 0.48
N LEU B 370 4.02 7.37 0.75
CA LEU B 370 2.80 6.58 0.92
C LEU B 370 2.60 6.12 2.36
N GLN B 371 3.58 6.44 3.20
CA GLN B 371 3.57 5.98 4.59
C GLN B 371 2.34 6.54 5.29
N GLY B 372 1.59 5.67 5.94
CA GLY B 372 0.42 6.08 6.71
C GLY B 372 -0.85 6.27 5.88
N LEU B 373 -0.73 6.22 4.57
CA LEU B 373 -1.89 6.35 3.68
C LEU B 373 -2.47 4.97 3.38
N ALA B 374 -3.77 4.91 3.11
CA ALA B 374 -4.44 3.64 2.87
C ALA B 374 -4.13 3.11 1.48
N VAL B 375 -3.27 2.09 1.44
CA VAL B 375 -2.80 1.50 0.19
C VAL B 375 -2.91 -0.02 0.28
N SER B 376 -3.58 -0.60 -0.71
CA SER B 376 -3.60 -2.06 -0.89
C SER B 376 -3.07 -2.46 -2.25
N ARG B 377 -2.99 -3.76 -2.50
CA ARG B 377 -2.55 -4.28 -3.78
C ARG B 377 -3.64 -5.15 -4.40
N ILE B 378 -3.60 -5.31 -5.71
CA ILE B 378 -4.49 -6.23 -6.39
C ILE B 378 -3.72 -6.90 -7.52
N PRO B 379 -3.93 -8.19 -7.75
CA PRO B 379 -3.11 -8.88 -8.74
C PRO B 379 -3.41 -8.42 -10.17
N SER B 380 -4.62 -7.91 -10.39
CA SER B 380 -5.05 -7.50 -11.72
C SER B 380 -6.34 -6.69 -11.64
N LEU B 381 -6.66 -5.99 -12.73
CA LEU B 381 -7.90 -5.23 -12.81
C LEU B 381 -9.09 -6.18 -12.84
N ALA B 382 -8.87 -7.37 -13.40
CA ALA B 382 -9.89 -8.41 -13.40
C ALA B 382 -10.27 -8.81 -11.98
N CYS B 383 -9.28 -8.95 -11.13
CA CYS B 383 -9.53 -9.23 -9.75
C CYS B 383 -10.38 -8.13 -9.20
N LEU B 384 -9.84 -6.93 -9.28
CA LEU B 384 -10.48 -5.75 -8.72
C LEU B 384 -11.96 -5.71 -9.08
N ARG B 385 -12.26 -5.87 -10.37
CA ARG B 385 -13.63 -5.78 -10.84
C ARG B 385 -14.54 -6.84 -10.22
N LYS B 386 -14.04 -8.07 -10.16
CA LYS B 386 -14.78 -9.17 -9.56
C LYS B 386 -15.14 -8.90 -8.09
N LEU B 387 -14.14 -8.46 -7.32
CA LEU B 387 -14.31 -8.15 -5.91
C LEU B 387 -15.30 -7.01 -5.64
N LEU B 388 -15.25 -5.97 -6.47
CA LEU B 388 -16.20 -4.86 -6.34
C LEU B 388 -17.64 -5.33 -6.54
N LEU B 389 -17.86 -6.20 -7.52
CA LEU B 389 -19.19 -6.69 -7.84
C LEU B 389 -19.69 -7.72 -6.83
N ASP B 390 -18.76 -8.27 -6.05
CA ASP B 390 -19.08 -9.21 -4.97
C ASP B 390 -19.30 -8.55 -3.61
N ARG B 391 -19.12 -7.23 -3.54
CA ARG B 391 -19.18 -6.51 -2.27
C ARG B 391 -20.46 -6.77 -1.50
N ARG B 392 -20.33 -6.99 -0.20
CA ARG B 392 -21.53 -7.06 0.64
C ARG B 392 -21.78 -5.67 1.20
N ARG B 393 -23.02 -5.22 1.10
CA ARG B 393 -23.43 -3.92 1.63
C ARG B 393 -23.62 -3.99 3.14
N SER B 394 -23.45 -2.86 3.82
CA SER B 394 -23.73 -2.83 5.26
C SER B 394 -25.19 -3.12 5.50
N SER B 395 -25.49 -3.82 6.59
CA SER B 395 -26.88 -4.01 7.05
C SER B 395 -27.68 -2.70 7.06
N SER B 396 -27.01 -1.61 7.45
CA SER B 396 -27.60 -0.27 7.39
C SER B 396 -27.82 0.20 5.96
N ASP B 407 -22.41 8.17 1.53
CA ASP B 407 -21.50 7.68 2.57
C ASP B 407 -20.35 6.90 1.94
N PRO B 408 -19.14 7.48 1.96
CA PRO B 408 -17.98 6.80 1.37
C PRO B 408 -17.71 5.40 1.93
N ARG B 409 -18.06 5.14 3.19
CA ARG B 409 -17.84 3.79 3.74
C ARG B 409 -18.64 2.69 3.05
N SER B 410 -19.77 3.05 2.46
CA SER B 410 -20.62 2.07 1.77
C SER B 410 -19.95 1.50 0.51
N ALA B 411 -18.84 2.13 0.11
CA ALA B 411 -18.07 1.70 -1.05
C ALA B 411 -17.23 0.44 -0.82
N GLY B 412 -16.96 0.13 0.44
CA GLY B 412 -16.09 -0.99 0.74
C GLY B 412 -16.89 -2.28 0.83
N HIS B 413 -16.21 -3.41 0.96
CA HIS B 413 -16.88 -4.64 1.32
C HIS B 413 -17.15 -4.62 2.82
N HIS B 414 -18.32 -5.09 3.24
CA HIS B 414 -18.65 -5.13 4.65
C HIS B 414 -18.76 -6.55 5.19
N ALA B 415 -17.91 -6.86 6.14
CA ALA B 415 -17.85 -8.18 6.76
C ALA B 415 -18.39 -8.12 8.18
N PRO B 416 -19.44 -8.91 8.47
CA PRO B 416 -20.00 -8.97 9.82
C PRO B 416 -18.95 -9.39 10.84
N LEU B 417 -19.03 -8.84 12.04
CA LEU B 417 -18.15 -9.23 13.13
C LEU B 417 -18.48 -10.63 13.61
N SER B 418 -19.77 -10.95 13.67
CA SER B 418 -20.23 -12.26 14.13
C SER B 418 -19.81 -13.40 13.20
N GLY B 419 -19.39 -14.51 13.81
CA GLY B 419 -19.19 -15.77 13.11
C GLY B 419 -17.84 -15.98 12.46
N GLY B 420 -16.84 -15.22 12.89
CA GLY B 420 -15.49 -15.39 12.36
C GLY B 420 -14.79 -16.64 12.90
N THR B 421 -13.57 -16.86 12.42
CA THR B 421 -12.75 -17.97 12.92
C THR B 421 -11.38 -17.40 13.24
N TYR B 422 -10.82 -17.79 14.37
CA TYR B 422 -9.40 -17.55 14.60
C TYR B 422 -8.61 -18.82 14.91
N ILE B 423 -7.40 -18.86 14.37
CA ILE B 423 -6.50 -19.99 14.53
C ILE B 423 -5.26 -19.44 15.21
N LEU B 424 -5.11 -19.80 16.47
CA LEU B 424 -4.11 -19.17 17.33
C LEU B 424 -3.12 -20.20 17.84
N ASN B 425 -1.85 -19.97 17.49
CA ASN B 425 -0.76 -20.86 17.85
C ASN B 425 -1.01 -22.31 17.43
N PRO B 426 -1.27 -22.55 16.13
CA PRO B 426 -1.62 -23.88 15.64
C PRO B 426 -0.52 -24.92 15.91
N SER B 427 0.74 -24.49 15.95
CA SER B 427 1.82 -25.43 16.16
C SER B 427 2.25 -25.52 17.63
N SER B 428 1.58 -24.74 18.48
CA SER B 428 1.66 -24.82 19.94
C SER B 428 2.92 -24.19 20.56
N ASP B 429 3.93 -23.89 19.74
CA ASP B 429 5.19 -23.33 20.24
C ASP B 429 5.23 -21.81 20.40
N LEU B 430 4.20 -21.12 19.91
CA LEU B 430 4.12 -19.66 20.01
C LEU B 430 3.39 -19.27 21.29
N LEU B 431 3.98 -19.63 22.41
CA LEU B 431 3.39 -19.46 23.72
C LEU B 431 3.19 -17.99 24.04
N SER B 432 4.18 -17.17 23.70
CA SER B 432 4.09 -15.72 23.90
C SER B 432 2.90 -15.13 23.17
N THR B 433 2.68 -15.58 21.94
CA THR B 433 1.59 -15.11 21.08
C THR B 433 0.22 -15.51 21.62
N GLN B 434 0.11 -16.75 22.07
CA GLN B 434 -1.13 -17.29 22.64
C GLN B 434 -1.48 -16.47 23.88
N LYS B 435 -0.47 -16.18 24.68
CA LYS B 435 -0.64 -15.41 25.93
C LYS B 435 -1.22 -14.04 25.62
N THR B 436 -0.71 -13.45 24.55
CA THR B 436 -1.15 -12.13 24.12
C THR B 436 -2.64 -12.02 23.75
N PHE B 437 -3.16 -13.01 23.05
CA PHE B 437 -4.49 -12.90 22.45
C PHE B 437 -5.60 -13.80 23.01
N GLU B 438 -5.23 -14.85 23.74
CA GLU B 438 -6.18 -15.88 24.13
C GLU B 438 -7.37 -15.35 24.92
N SER B 439 -7.09 -14.59 25.98
CA SER B 439 -8.15 -14.05 26.82
C SER B 439 -8.99 -13.00 26.09
N LEU B 440 -8.32 -12.17 25.29
CA LEU B 440 -9.02 -11.18 24.49
C LEU B 440 -9.99 -11.79 23.49
N PHE B 441 -9.51 -12.79 22.76
CA PHE B 441 -10.33 -13.46 21.76
C PHE B 441 -11.47 -14.23 22.40
N SER B 442 -11.23 -14.80 23.58
CA SER B 442 -12.27 -15.48 24.31
C SER B 442 -13.35 -14.48 24.72
N THR B 443 -12.91 -13.42 25.39
CA THR B 443 -13.80 -12.38 25.91
C THR B 443 -14.59 -11.63 24.83
N HIS B 444 -13.91 -11.26 23.75
CA HIS B 444 -14.47 -10.35 22.76
C HIS B 444 -15.02 -10.99 21.47
N LEU B 445 -14.59 -12.23 21.19
CA LEU B 445 -14.93 -12.86 19.92
C LEU B 445 -15.72 -14.14 20.10
N HIS B 446 -15.12 -15.13 20.75
CA HIS B 446 -15.76 -16.43 20.92
C HIS B 446 -17.06 -16.32 21.73
N SER B 447 -16.99 -15.61 22.85
CA SER B 447 -18.14 -15.52 23.75
C SER B 447 -19.29 -14.66 23.19
N PRO B 448 -19.06 -13.38 22.86
CA PRO B 448 -20.24 -12.61 22.44
C PRO B 448 -20.56 -12.67 20.95
N ASN B 449 -19.61 -13.08 20.13
CA ASN B 449 -19.81 -12.98 18.68
C ASN B 449 -19.76 -14.29 17.91
N SER B 450 -19.94 -15.40 18.61
CA SER B 450 -20.05 -16.71 17.98
C SER B 450 -18.88 -17.09 17.07
N TRP B 451 -17.67 -16.69 17.45
CA TRP B 451 -16.48 -17.04 16.68
C TRP B 451 -16.09 -18.49 16.92
N THR B 452 -15.56 -19.13 15.88
CA THR B 452 -14.92 -20.43 16.07
C THR B 452 -13.50 -20.27 16.58
N ARG B 453 -13.19 -21.04 17.63
CA ARG B 453 -11.91 -20.99 18.30
C ARG B 453 -11.07 -22.24 18.04
N ILE B 454 -9.91 -22.04 17.44
CA ILE B 454 -8.89 -23.09 17.35
C ILE B 454 -7.57 -22.69 18.00
N ILE B 455 -7.24 -23.30 19.15
CA ILE B 455 -6.08 -22.89 19.94
C ILE B 455 -5.14 -24.06 20.20
N SER B 456 -3.86 -23.80 19.98
CA SER B 456 -2.76 -24.76 20.15
C SER B 456 -3.08 -26.15 19.61
N ARG B 457 -3.68 -26.19 18.43
CA ARG B 457 -3.76 -27.41 17.66
C ARG B 457 -3.91 -27.08 16.18
N PRO B 458 -3.38 -27.94 15.30
CA PRO B 458 -3.55 -27.66 13.88
C PRO B 458 -5.01 -27.79 13.50
N PRO B 459 -5.51 -26.90 12.64
CA PRO B 459 -6.85 -27.09 12.08
C PRO B 459 -6.79 -28.19 11.04
N THR B 460 -7.84 -28.99 10.90
CA THR B 460 -7.81 -29.98 9.83
C THR B 460 -8.10 -29.17 8.58
N GLU B 461 -7.84 -29.74 7.42
CA GLU B 461 -8.06 -29.01 6.18
C GLU B 461 -9.55 -28.71 5.92
N PRO B 462 -10.45 -29.68 6.18
CA PRO B 462 -11.87 -29.36 6.05
C PRO B 462 -12.31 -28.22 6.99
N GLU B 463 -11.77 -28.18 8.20
CA GLU B 463 -12.09 -27.10 9.13
C GLU B 463 -11.64 -25.75 8.56
N PHE B 464 -10.46 -25.75 7.94
CA PHE B 464 -9.89 -24.53 7.38
C PHE B 464 -10.74 -24.02 6.22
N LEU B 465 -11.07 -24.95 5.33
CA LEU B 465 -11.93 -24.67 4.20
C LEU B 465 -13.31 -24.20 4.63
N SER B 466 -13.87 -24.86 5.65
CA SER B 466 -15.19 -24.50 6.15
C SER B 466 -15.18 -23.08 6.71
N ALA B 467 -14.10 -22.73 7.40
CA ALA B 467 -13.94 -21.39 7.94
C ALA B 467 -13.89 -20.35 6.81
N LEU B 468 -13.18 -20.68 5.75
CA LEU B 468 -13.06 -19.80 4.60
C LEU B 468 -14.42 -19.59 3.93
N THR B 469 -15.23 -20.63 3.90
CA THR B 469 -16.55 -20.57 3.27
C THR B 469 -17.56 -19.77 4.11
N HIS B 470 -17.48 -19.87 5.43
CA HIS B 470 -18.55 -19.41 6.31
C HIS B 470 -18.20 -18.24 7.24
N SER B 471 -16.92 -18.05 7.55
CA SER B 471 -16.53 -16.98 8.44
C SER B 471 -16.25 -15.71 7.66
N PRO B 472 -16.79 -14.57 8.13
CA PRO B 472 -16.53 -13.29 7.45
C PRO B 472 -15.09 -12.86 7.63
N ILE B 473 -14.46 -13.33 8.71
CA ILE B 473 -13.09 -12.98 9.04
C ILE B 473 -12.37 -14.25 9.50
N LEU B 474 -11.20 -14.50 8.93
CA LEU B 474 -10.35 -15.59 9.41
C LEU B 474 -9.02 -15.04 9.90
N LEU B 475 -8.70 -15.31 11.16
CA LEU B 475 -7.43 -14.91 11.73
C LEU B 475 -6.45 -16.07 11.90
N TYR B 476 -5.28 -15.97 11.27
CA TYR B 476 -4.26 -17.00 11.38
C TYR B 476 -3.03 -16.43 12.06
N PHE B 477 -2.81 -16.88 13.30
CA PHE B 477 -1.65 -16.49 14.08
C PHE B 477 -0.71 -17.67 14.26
N GLY B 478 0.09 -17.97 13.24
CA GLY B 478 0.99 -19.10 13.27
C GLY B 478 2.21 -18.91 12.38
N HIS B 479 3.00 -19.97 12.23
CA HIS B 479 4.18 -19.92 11.37
C HIS B 479 3.78 -19.88 9.91
N GLY B 480 4.46 -19.01 9.15
CA GLY B 480 4.35 -18.99 7.71
C GLY B 480 2.98 -18.58 7.21
N SER B 481 2.55 -19.16 6.09
CA SER B 481 1.31 -18.79 5.44
C SER B 481 0.12 -19.64 5.86
N GLY B 482 0.39 -20.68 6.65
CA GLY B 482 -0.62 -21.67 6.97
C GLY B 482 -0.72 -22.75 5.91
N ALA B 483 0.18 -22.69 4.93
CA ALA B 483 0.14 -23.63 3.82
C ALA B 483 0.44 -25.04 4.30
N GLN B 484 1.06 -25.15 5.46
CA GLN B 484 1.27 -26.46 6.07
C GLN B 484 -0.06 -27.07 6.51
N TYR B 485 -1.12 -26.28 6.50
CA TYR B 485 -2.40 -26.76 7.02
C TYR B 485 -3.47 -26.87 5.94
N ILE B 486 -3.22 -26.27 4.78
CA ILE B 486 -4.24 -26.23 3.73
C ILE B 486 -3.54 -26.13 2.37
N ARG B 487 -3.85 -27.07 1.48
CA ARG B 487 -3.24 -27.09 0.15
C ARG B 487 -3.75 -26.01 -0.80
N SER B 488 -2.83 -25.48 -1.61
CA SER B 488 -3.17 -24.43 -2.57
C SER B 488 -4.27 -24.89 -3.53
N ARG B 489 -4.16 -26.14 -3.96
CA ARG B 489 -5.03 -26.66 -5.01
C ARG B 489 -6.46 -26.78 -4.49
N ASN B 490 -6.54 -26.87 -3.16
CA ASN B 490 -7.82 -27.00 -2.49
C ASN B 490 -8.52 -25.67 -2.19
N ILE B 491 -7.73 -24.60 -2.13
CA ILE B 491 -8.24 -23.23 -2.04
C ILE B 491 -8.89 -22.82 -3.36
N ARG B 492 -8.48 -23.47 -4.45
CA ARG B 492 -9.07 -23.23 -5.76
C ARG B 492 -10.37 -23.99 -5.98
N HIS B 493 -10.49 -25.15 -5.36
CA HIS B 493 -11.73 -25.90 -5.43
C HIS B 493 -12.91 -25.23 -4.71
N LEU B 494 -12.63 -24.18 -3.93
CA LEU B 494 -13.66 -23.53 -3.13
C LEU B 494 -14.66 -22.82 -4.04
N ASP B 495 -15.94 -23.06 -3.82
CA ASP B 495 -16.98 -22.29 -4.50
C ASP B 495 -16.79 -20.77 -4.34
N HIS B 496 -16.73 -20.31 -3.10
CA HIS B 496 -16.43 -18.91 -2.79
C HIS B 496 -15.66 -18.79 -1.48
N CYS B 497 -14.59 -18.01 -1.48
CA CYS B 497 -13.93 -17.65 -0.23
C CYS B 497 -14.61 -16.42 0.37
N ARG B 498 -15.47 -16.65 1.35
CA ARG B 498 -16.21 -15.57 2.02
C ARG B 498 -15.29 -14.76 2.92
N ALA B 499 -14.33 -15.44 3.52
CA ALA B 499 -13.48 -14.87 4.55
C ALA B 499 -12.53 -13.78 4.06
N THR B 500 -12.43 -12.72 4.86
CA THR B 500 -11.29 -11.83 4.81
C THR B 500 -10.21 -12.46 5.69
N VAL B 501 -9.00 -12.57 5.16
CA VAL B 501 -8.02 -13.49 5.74
C VAL B 501 -6.78 -12.74 6.19
N LEU B 502 -6.43 -12.88 7.46
CA LEU B 502 -5.21 -12.30 7.99
C LEU B 502 -4.18 -13.36 8.32
N LEU B 503 -3.10 -13.38 7.53
CA LEU B 503 -2.04 -14.36 7.67
C LEU B 503 -0.82 -13.80 8.41
N MET B 504 -0.86 -13.91 9.73
CA MET B 504 0.13 -13.29 10.58
C MET B 504 1.28 -14.26 10.86
N GLY B 505 2.23 -14.30 9.93
CA GLY B 505 3.28 -15.29 9.92
C GLY B 505 4.38 -14.89 8.97
N CYS B 506 5.48 -15.63 8.99
CA CYS B 506 6.62 -15.38 8.11
C CYS B 506 6.35 -15.55 6.62
N SER B 507 6.70 -14.51 5.86
CA SER B 507 6.67 -14.52 4.39
C SER B 507 5.37 -15.11 3.83
N SER B 508 4.26 -14.73 4.43
CA SER B 508 2.95 -15.26 4.07
C SER B 508 2.44 -14.75 2.71
N ALA B 509 3.04 -13.68 2.20
CA ALA B 509 2.80 -13.29 0.81
C ALA B 509 3.43 -14.28 -0.17
N ALA B 510 4.41 -15.04 0.31
CA ALA B 510 5.05 -16.11 -0.45
C ALA B 510 5.71 -15.66 -1.74
N LEU B 511 6.40 -14.53 -1.71
CA LEU B 511 7.28 -14.14 -2.81
C LEU B 511 8.35 -15.20 -3.09
N THR B 512 8.78 -15.27 -4.34
CA THR B 512 9.84 -16.20 -4.73
C THR B 512 11.16 -15.77 -4.11
N ALA B 513 12.14 -16.66 -4.12
CA ALA B 513 13.49 -16.32 -3.66
C ALA B 513 14.01 -15.09 -4.37
N LYS B 514 13.52 -14.88 -5.59
CA LYS B 514 13.92 -13.73 -6.38
C LYS B 514 12.97 -12.53 -6.21
N GLY B 515 11.99 -12.68 -5.33
CA GLY B 515 11.09 -11.59 -4.97
C GLY B 515 9.90 -11.38 -5.88
N GLU B 516 9.48 -12.45 -6.57
CA GLU B 516 8.38 -12.37 -7.54
C GLU B 516 7.05 -12.91 -7.06
N PHE B 517 5.95 -12.34 -7.56
CA PHE B 517 4.65 -12.80 -7.11
C PHE B 517 4.08 -13.78 -8.13
N GLU B 518 4.06 -15.03 -7.70
CA GLU B 518 3.71 -16.18 -8.54
C GLU B 518 2.31 -16.70 -8.28
N PRO B 519 1.65 -17.22 -9.33
CA PRO B 519 0.30 -17.78 -9.31
C PRO B 519 0.16 -18.96 -8.34
N SER B 520 1.26 -19.54 -7.86
CA SER B 520 1.09 -20.68 -6.97
C SER B 520 1.09 -20.40 -5.46
N GLY B 521 1.27 -19.15 -5.02
CA GLY B 521 1.29 -18.91 -3.58
C GLY B 521 -0.12 -18.95 -3.02
N PRO B 522 -0.26 -19.06 -1.69
CA PRO B 522 -1.57 -19.12 -1.02
C PRO B 522 -2.44 -17.90 -1.30
N VAL B 523 -1.81 -16.73 -1.30
CA VAL B 523 -2.46 -15.43 -1.45
C VAL B 523 -3.11 -15.25 -2.82
N TRP B 524 -2.37 -15.60 -3.87
CA TRP B 524 -2.90 -15.59 -5.23
C TRP B 524 -4.17 -16.46 -5.28
N ASN B 525 -4.11 -17.62 -4.64
CA ASN B 525 -5.22 -18.56 -4.62
C ASN B 525 -6.44 -18.00 -3.90
N TYR B 526 -6.21 -17.32 -2.78
CA TYR B 526 -7.28 -16.66 -2.05
C TYR B 526 -7.91 -15.62 -2.96
N MET B 527 -7.08 -14.86 -3.65
CA MET B 527 -7.56 -13.81 -4.55
C MET B 527 -8.43 -14.41 -5.67
N LEU B 528 -8.02 -15.56 -6.20
CA LEU B 528 -8.78 -16.20 -7.27
C LEU B 528 -10.11 -16.76 -6.77
N ALA B 529 -10.09 -17.23 -5.53
CA ALA B 529 -11.29 -17.78 -4.91
C ALA B 529 -12.29 -16.69 -4.55
N GLY B 530 -11.82 -15.44 -4.49
CA GLY B 530 -12.71 -14.33 -4.24
C GLY B 530 -12.64 -13.72 -2.85
N ALA B 531 -11.59 -14.02 -2.10
CA ALA B 531 -11.40 -13.40 -0.80
C ALA B 531 -11.37 -11.88 -0.97
N PRO B 532 -12.17 -11.16 -0.18
CA PRO B 532 -12.24 -9.70 -0.33
C PRO B 532 -10.92 -9.00 -0.02
N ALA B 533 -10.18 -9.50 0.95
CA ALA B 533 -8.84 -9.00 1.21
C ALA B 533 -7.99 -10.05 1.92
N VAL B 534 -6.67 -9.92 1.80
CA VAL B 534 -5.74 -10.79 2.50
C VAL B 534 -4.57 -9.96 3.01
N VAL B 535 -4.33 -10.03 4.31
CA VAL B 535 -3.17 -9.37 4.90
C VAL B 535 -2.08 -10.40 5.10
N GLY B 536 -0.87 -10.07 4.63
CA GLY B 536 0.26 -10.96 4.72
C GLY B 536 1.59 -10.21 4.78
N THR B 537 2.68 -10.95 4.77
CA THR B 537 4.00 -10.37 4.95
C THR B 537 4.94 -10.71 3.79
N LEU B 538 5.76 -9.74 3.41
CA LEU B 538 6.65 -9.90 2.26
C LEU B 538 7.93 -10.66 2.61
N TRP B 539 8.28 -10.67 3.90
CA TRP B 539 9.44 -11.40 4.36
C TRP B 539 9.23 -11.84 5.82
N ASP B 540 10.26 -12.42 6.43
CA ASP B 540 10.10 -13.03 7.74
C ASP B 540 10.09 -11.99 8.86
N VAL B 541 9.29 -12.26 9.90
CA VAL B 541 9.12 -11.35 11.02
C VAL B 541 9.06 -12.13 12.33
N THR B 542 9.44 -11.46 13.42
CA THR B 542 9.39 -12.02 14.78
C THR B 542 7.93 -12.02 15.30
N ASP B 543 7.60 -12.95 16.19
CA ASP B 543 6.27 -13.02 16.80
C ASP B 543 5.84 -11.76 17.58
N ARG B 544 6.71 -11.26 18.45
CA ARG B 544 6.39 -10.12 19.31
C ARG B 544 6.03 -8.88 18.51
N ASP B 545 6.81 -8.60 17.46
CA ASP B 545 6.65 -7.36 16.75
C ASP B 545 5.49 -7.46 15.77
N ILE B 546 5.24 -8.65 15.23
CA ILE B 546 4.11 -8.79 14.32
C ILE B 546 2.80 -8.80 15.13
N ASP B 547 2.85 -9.26 16.38
CA ASP B 547 1.68 -9.20 17.26
C ASP B 547 1.29 -7.77 17.59
N ARG B 548 2.31 -6.92 17.70
CA ARG B 548 2.11 -5.49 17.88
C ARG B 548 1.32 -4.92 16.71
N PHE B 549 1.75 -5.28 15.51
CA PHE B 549 1.07 -4.88 14.29
C PHE B 549 -0.35 -5.42 14.25
N ALA B 550 -0.48 -6.71 14.56
CA ALA B 550 -1.75 -7.41 14.42
C ALA B 550 -2.78 -6.84 15.39
N GLY B 551 -2.33 -6.56 16.61
CA GLY B 551 -3.19 -5.97 17.62
C GLY B 551 -3.66 -4.61 17.16
N GLY B 552 -2.75 -3.88 16.51
CA GLY B 552 -3.09 -2.60 15.89
C GLY B 552 -4.15 -2.69 14.82
N VAL B 553 -4.04 -3.68 13.94
CA VAL B 553 -5.03 -3.87 12.89
C VAL B 553 -6.40 -4.11 13.50
N LEU B 554 -6.45 -5.01 14.49
CA LEU B 554 -7.72 -5.44 15.06
C LEU B 554 -8.45 -4.34 15.82
N GLU B 555 -7.71 -3.48 16.52
CA GLU B 555 -8.33 -2.34 17.18
C GLU B 555 -8.85 -1.34 16.17
N GLY B 556 -8.02 -1.01 15.19
CA GLY B 556 -8.37 -0.01 14.20
C GLY B 556 -9.51 -0.47 13.31
N TRP B 557 -9.53 -1.76 13.01
CA TRP B 557 -10.54 -2.35 12.15
C TRP B 557 -11.88 -2.53 12.87
N GLY B 558 -11.82 -2.59 14.19
CA GLY B 558 -13.02 -2.75 14.99
C GLY B 558 -13.35 -4.18 15.35
N VAL B 559 -12.41 -5.09 15.10
CA VAL B 559 -12.56 -6.47 15.53
C VAL B 559 -12.40 -6.59 17.04
N LEU B 560 -11.48 -5.83 17.60
CA LEU B 560 -11.35 -5.67 19.05
C LEU B 560 -11.70 -4.26 19.48
N PRO B 561 -12.15 -4.10 20.75
CA PRO B 561 -12.37 -2.77 21.32
C PRO B 561 -11.10 -1.95 21.46
N GLU B 562 -11.24 -0.63 21.39
CA GLU B 562 -10.14 0.29 21.64
C GLU B 562 -9.51 0.05 23.01
N GLY B 563 -8.19 0.11 23.12
CA GLY B 563 -7.55 -0.02 24.42
C GLY B 563 -7.21 -1.44 24.86
N CYS B 564 -7.59 -2.42 24.05
CA CYS B 564 -7.38 -3.83 24.33
C CYS B 564 -5.96 -4.23 24.71
N MET B 565 -4.98 -3.76 23.97
CA MET B 565 -3.63 -4.31 24.07
C MET B 565 -2.91 -3.72 25.27
N GLY B 566 -3.34 -2.52 25.68
CA GLY B 566 -2.68 -1.79 26.74
C GLY B 566 -2.86 -2.43 28.11
N GLY B 575 -15.79 0.86 23.82
CA GLY B 575 -15.51 1.63 22.63
C GLY B 575 -14.97 0.76 21.51
N ARG B 576 -15.50 0.96 20.29
CA ARG B 576 -15.06 0.18 19.13
C ARG B 576 -14.88 1.05 17.89
N ASN B 577 -13.68 0.99 17.33
CA ASN B 577 -13.31 1.73 16.12
C ASN B 577 -13.85 1.09 14.84
N GLY B 578 -13.63 1.75 13.70
CA GLY B 578 -14.24 1.32 12.46
C GLY B 578 -13.54 1.75 11.16
N LEU B 579 -12.22 1.78 11.19
CA LEU B 579 -11.44 2.03 9.97
C LEU B 579 -11.66 0.89 8.98
N SER B 580 -11.43 1.15 7.69
CA SER B 580 -11.33 0.06 6.73
C SER B 580 -10.11 -0.79 7.08
N LEU B 581 -10.09 -2.02 6.60
CA LEU B 581 -8.96 -2.90 6.83
C LEU B 581 -7.67 -2.28 6.32
N VAL B 582 -7.77 -1.63 5.16
CA VAL B 582 -6.61 -1.00 4.54
C VAL B 582 -6.08 0.16 5.37
N GLN B 583 -7.01 0.99 5.86
CA GLN B 583 -6.65 2.08 6.76
C GLN B 583 -6.07 1.60 8.10
N ALA B 584 -6.63 0.51 8.62
CA ALA B 584 -6.17 -0.04 9.88
C ALA B 584 -4.76 -0.62 9.81
N VAL B 585 -4.46 -1.26 8.68
CA VAL B 585 -3.11 -1.77 8.41
C VAL B 585 -2.08 -0.64 8.34
N ALA B 586 -2.41 0.44 7.64
CA ALA B 586 -1.48 1.54 7.46
C ALA B 586 -1.12 2.20 8.78
N LYS B 587 -2.11 2.39 9.64
CA LYS B 587 -1.90 3.00 10.95
C LYS B 587 -1.15 2.05 11.89
N ALA B 588 -1.43 0.75 11.79
CA ALA B 588 -0.92 -0.23 12.75
C ALA B 588 0.59 -0.46 12.62
N ARG B 589 1.16 -0.03 11.50
CA ARG B 589 2.61 -0.08 11.30
C ARG B 589 3.34 0.72 12.38
N ASP B 590 2.64 1.72 12.92
CA ASP B 590 3.17 2.57 13.98
C ASP B 590 3.46 1.80 15.27
N ARG B 591 2.80 0.65 15.43
CA ARG B 591 2.88 -0.08 16.68
C ARG B 591 4.15 -0.91 16.82
N CYS B 592 4.82 -1.16 15.69
CA CYS B 592 6.03 -2.00 15.67
C CYS B 592 7.27 -1.29 16.20
N ARG B 593 8.19 -2.04 16.75
CA ARG B 593 9.43 -1.45 17.18
C ARG B 593 10.25 -1.10 15.96
N PHE B 594 10.12 -1.89 14.91
CA PHE B 594 10.81 -1.63 13.66
C PHE B 594 9.83 -1.38 12.53
N ARG B 595 9.76 -0.12 12.10
CA ARG B 595 8.88 0.27 11.01
C ARG B 595 9.25 -0.39 9.69
N TYR B 596 10.54 -0.61 9.50
CA TYR B 596 11.00 -1.16 8.24
C TYR B 596 11.30 -2.65 8.30
N VAL B 597 12.03 -3.08 9.31
CA VAL B 597 12.39 -4.50 9.43
C VAL B 597 11.15 -5.36 9.65
N THR B 598 10.18 -4.84 10.39
CA THR B 598 8.92 -5.55 10.57
C THR B 598 7.75 -4.98 9.77
N ALA B 599 7.38 -3.74 10.05
CA ALA B 599 6.10 -3.20 9.59
C ALA B 599 6.04 -3.05 8.08
N ALA B 600 7.17 -2.79 7.45
CA ALA B 600 7.22 -2.59 6.01
C ALA B 600 6.93 -3.90 5.26
N ALA B 601 7.05 -5.02 5.97
CA ALA B 601 6.74 -6.33 5.40
C ALA B 601 5.24 -6.48 5.18
N ALA B 602 4.46 -5.79 6.00
CA ALA B 602 3.02 -5.97 6.01
C ALA B 602 2.38 -5.27 4.81
N VAL B 603 1.53 -6.02 4.11
CA VAL B 603 0.84 -5.55 2.92
C VAL B 603 -0.56 -6.14 2.87
N VAL B 604 -1.46 -5.51 2.12
CA VAL B 604 -2.79 -6.06 1.95
C VAL B 604 -3.11 -6.20 0.47
N TYR B 605 -3.53 -7.40 0.10
CA TYR B 605 -4.06 -7.64 -1.23
C TYR B 605 -5.59 -7.63 -1.17
N GLY B 606 -6.23 -6.85 -2.02
CA GLY B 606 -7.68 -6.81 -2.04
C GLY B 606 -8.23 -5.41 -1.97
N ILE B 607 -9.49 -5.30 -1.57
CA ILE B 607 -10.18 -4.02 -1.52
C ILE B 607 -10.46 -3.66 -0.06
N PRO B 608 -10.80 -2.38 0.20
CA PRO B 608 -11.16 -1.97 1.56
C PRO B 608 -12.30 -2.78 2.16
N VAL B 609 -12.09 -3.30 3.35
CA VAL B 609 -13.12 -4.05 4.06
C VAL B 609 -13.43 -3.37 5.39
N TYR B 610 -14.72 -3.17 5.65
CA TYR B 610 -15.18 -2.63 6.92
C TYR B 610 -15.87 -3.69 7.76
N VAL B 611 -15.68 -3.62 9.07
CA VAL B 611 -16.39 -4.52 9.96
C VAL B 611 -17.81 -4.01 10.20
N ASP B 612 -18.77 -4.93 10.06
CA ASP B 612 -20.18 -4.62 10.22
C ASP B 612 -20.62 -5.22 11.54
N VAL B 613 -20.62 -4.43 12.62
CA VAL B 613 -20.79 -5.00 13.94
C VAL B 613 -22.16 -5.68 14.20
N ASP B 614 -23.25 -5.10 13.72
CA ASP B 614 -24.56 -5.73 13.92
C ASP B 614 -25.03 -6.55 12.72
N GLY B 615 -24.19 -6.68 11.71
CA GLY B 615 -24.62 -7.33 10.49
C GLY B 615 -24.71 -8.84 10.64
N LYS B 616 -25.41 -9.50 9.73
CA LYS B 616 -25.36 -10.95 9.66
C LYS B 616 -25.58 -11.44 8.22
#